data_1H3Y
#
_entry.id   1H3Y
#
_cell.length_a   152.940
_cell.length_b   152.940
_cell.length_c   116.960
_cell.angle_alpha   90.00
_cell.angle_beta   90.00
_cell.angle_gamma   120.00
#
_symmetry.space_group_name_H-M   'P 61 2 2'
#
loop_
_entity.id
_entity.type
_entity.pdbx_description
1 polymer 'IG GAMMA-1 CHAIN C REGION'
2 branched alpha-D-galactopyranose-(1-4)-2-acetamido-2-deoxy-beta-D-glucopyranose-(1-2)-alpha-D-mannopyranose-(1-6)-[2-acetamido-2-deoxy-beta-D-glucopyranose-(1-2)-alpha-D-mannopyranose-(1-3)]alpha-D-mannopyranose-(1-4)-2-acetamido-2-deoxy-beta-D-glucopyranose-(1-4)-[beta-L-fucopyranose-(1-6)]2-acetamido-2-deoxy-beta-D-glucopyranose
3 branched alpha-D-galactopyranose-(1-4)-2-acetamido-2-deoxy-beta-D-glucopyranose-(1-2)-alpha-D-mannopyranose-(1-6)-[2-acetamido-2-deoxy-beta-D-glucopyranose-(1-2)-alpha-D-mannopyranose-(1-3)]beta-D-mannopyranose-(1-4)-2-acetamido-2-deoxy-beta-D-glucopyranose-(1-4)-[beta-L-fucopyranose-(1-6)]2-acetamido-2-deoxy-beta-D-glucopyranose
#
_entity_poly.entity_id   1
_entity_poly.type   'polypeptide(L)'
_entity_poly.pdbx_seq_one_letter_code
;TCPPCPAPELLGGPSVFLFPPKPKDTLMISRTPEVTCVVVDVSHEDPQVKFNWYVDGVQVHNAKTKPREQQYNSTYRVVS
VLTVLHQNWLDGKEYKCKVSNKALPAPIEKTISKAKGQPREPQVYTLPPSREEMTKNQVSLTCLVKGFYPSDIAVEWESN
GQPENNYKTTPPVLDSDGSFFLYSKLTVDKSRWQQGNVFSCSVMHEALHNHYTQKSLSLSPGK
;
_entity_poly.pdbx_strand_id   A,B
#
# COMPACT_ATOMS: atom_id res chain seq x y z
N PRO A 14 -6.16 -24.87 10.03
CA PRO A 14 -6.42 -23.75 10.97
C PRO A 14 -5.15 -22.91 11.10
N SER A 15 -5.26 -21.62 10.80
CA SER A 15 -4.10 -20.71 10.90
C SER A 15 -4.39 -19.46 11.73
N VAL A 16 -3.38 -19.05 12.49
CA VAL A 16 -3.49 -17.87 13.36
C VAL A 16 -2.86 -16.59 12.81
N PHE A 17 -3.42 -15.45 13.21
CA PHE A 17 -2.96 -14.14 12.76
C PHE A 17 -2.93 -13.09 13.88
N LEU A 18 -1.76 -12.56 14.21
CA LEU A 18 -1.61 -11.53 15.25
C LEU A 18 -1.77 -10.12 14.68
N PHE A 19 -2.40 -9.24 15.45
CA PHE A 19 -2.64 -7.88 14.98
C PHE A 19 -2.18 -6.78 15.90
N PRO A 20 -1.12 -6.08 15.49
CA PRO A 20 -0.60 -4.98 16.30
C PRO A 20 -1.66 -3.92 16.42
N PRO A 21 -1.56 -3.09 17.47
CA PRO A 21 -2.47 -1.99 17.80
C PRO A 21 -2.41 -0.79 16.84
N LYS A 22 -3.49 -0.02 16.76
CA LYS A 22 -3.48 1.16 15.89
C LYS A 22 -2.56 2.19 16.55
N PRO A 23 -1.82 2.97 15.75
CA PRO A 23 -0.90 3.98 16.30
C PRO A 23 -1.56 4.94 17.28
N LYS A 24 -2.52 5.71 16.79
CA LYS A 24 -3.20 6.69 17.62
C LYS A 24 -3.42 6.17 19.04
N ASP A 25 -3.94 4.95 19.14
CA ASP A 25 -4.21 4.28 20.42
C ASP A 25 -2.98 4.02 21.29
N THR A 26 -1.80 3.99 20.70
CA THR A 26 -0.59 3.72 21.48
C THR A 26 0.01 5.00 22.01
N LEU A 27 0.23 5.94 21.09
CA LEU A 27 0.86 7.19 21.43
C LEU A 27 0.08 8.10 22.41
N MET A 28 -1.21 7.85 22.59
CA MET A 28 -2.02 8.67 23.50
C MET A 28 -2.38 7.98 24.84
N ILE A 29 -2.40 8.75 25.94
CA ILE A 29 -2.69 8.22 27.27
C ILE A 29 -4.19 8.01 27.49
N SER A 30 -5.01 8.56 26.61
CA SER A 30 -6.46 8.43 26.75
C SER A 30 -7.08 7.16 26.20
N ARG A 31 -6.46 6.60 25.16
CA ARG A 31 -6.99 5.41 24.52
C ARG A 31 -6.49 4.09 25.11
N THR A 32 -7.15 3.01 24.71
CA THR A 32 -6.80 1.68 25.15
C THR A 32 -6.38 0.93 23.89
N PRO A 33 -5.07 0.77 23.68
CA PRO A 33 -4.51 0.08 22.52
C PRO A 33 -4.50 -1.42 22.81
N GLU A 34 -4.94 -2.23 21.84
CA GLU A 34 -5.00 -3.67 22.03
C GLU A 34 -4.39 -4.51 20.91
N VAL A 35 -3.77 -5.60 21.31
CA VAL A 35 -3.17 -6.53 20.37
C VAL A 35 -4.25 -7.58 20.10
N THR A 36 -4.52 -7.86 18.83
CA THR A 36 -5.54 -8.85 18.52
C THR A 36 -5.03 -10.13 17.88
N CYS A 37 -5.50 -11.27 18.37
CA CYS A 37 -5.11 -12.57 17.85
C CYS A 37 -6.38 -13.14 17.26
N VAL A 38 -6.28 -13.73 16.07
CA VAL A 38 -7.45 -14.30 15.39
C VAL A 38 -7.16 -15.67 14.74
N VAL A 39 -8.14 -16.57 14.85
CA VAL A 39 -8.12 -17.95 14.33
C VAL A 39 -9.20 -18.16 13.25
N VAL A 40 -8.76 -18.57 12.05
CA VAL A 40 -9.67 -18.83 10.94
C VAL A 40 -9.57 -20.27 10.47
N ASP A 41 -10.66 -20.77 9.89
CA ASP A 41 -10.73 -22.16 9.42
C ASP A 41 -10.71 -23.09 10.65
N VAL A 42 -11.72 -22.93 11.52
CA VAL A 42 -11.78 -23.80 12.70
C VAL A 42 -12.88 -24.81 12.42
N SER A 43 -12.43 -26.00 12.00
CA SER A 43 -13.23 -27.16 11.61
C SER A 43 -14.35 -27.54 12.54
N HIS A 44 -15.55 -27.63 11.97
CA HIS A 44 -16.75 -27.95 12.75
C HIS A 44 -16.65 -29.13 13.70
N GLU A 45 -15.79 -30.10 13.37
CA GLU A 45 -15.55 -31.30 14.18
C GLU A 45 -14.57 -31.04 15.35
N ASP A 46 -13.59 -30.16 15.14
CA ASP A 46 -12.63 -29.83 16.18
C ASP A 46 -12.73 -28.33 16.44
N PRO A 47 -13.92 -27.87 16.91
CA PRO A 47 -14.23 -26.47 17.22
C PRO A 47 -13.55 -25.90 18.48
N GLN A 48 -12.90 -26.77 19.26
CA GLN A 48 -12.24 -26.33 20.46
C GLN A 48 -10.92 -25.63 20.18
N VAL A 49 -10.84 -24.35 20.57
CA VAL A 49 -9.65 -23.53 20.40
C VAL A 49 -9.34 -22.99 21.80
N LYS A 50 -8.12 -23.24 22.29
CA LYS A 50 -7.71 -22.78 23.64
C LYS A 50 -6.53 -21.75 23.63
N PHE A 51 -6.87 -20.46 23.78
CA PHE A 51 -5.92 -19.34 23.78
C PHE A 51 -4.94 -19.28 24.94
N ASN A 52 -3.65 -19.07 24.64
CA ASN A 52 -2.60 -18.96 25.65
C ASN A 52 -1.71 -17.73 25.43
N TRP A 53 -1.92 -16.67 26.21
CA TRP A 53 -1.16 -15.43 26.06
C TRP A 53 0.04 -15.26 27.00
N TYR A 54 1.22 -15.03 26.41
CA TYR A 54 2.48 -14.82 27.15
C TYR A 54 3.08 -13.44 26.80
N VAL A 55 3.23 -12.60 27.80
CA VAL A 55 3.80 -11.29 27.56
C VAL A 55 5.29 -11.36 27.77
N ASP A 56 5.99 -11.22 26.65
CA ASP A 56 7.42 -11.25 26.66
C ASP A 56 7.89 -12.64 27.12
N GLY A 57 7.46 -13.06 28.30
CA GLY A 57 7.85 -14.38 28.77
C GLY A 57 6.86 -15.03 29.72
N VAL A 58 6.50 -14.29 30.77
CA VAL A 58 5.55 -14.75 31.77
C VAL A 58 4.18 -14.87 31.10
N GLN A 59 3.46 -15.96 31.33
CA GLN A 59 2.15 -16.07 30.71
C GLN A 59 1.26 -15.04 31.36
N VAL A 60 0.47 -14.29 30.59
CA VAL A 60 -0.40 -13.30 31.21
C VAL A 60 -1.73 -13.93 31.54
N HIS A 61 -1.75 -15.26 31.44
CA HIS A 61 -2.93 -16.07 31.71
C HIS A 61 -4.25 -15.35 31.41
N ASN A 62 -5.09 -15.12 32.42
CA ASN A 62 -6.37 -14.42 32.22
C ASN A 62 -6.16 -13.00 31.71
N ALA A 63 -5.16 -12.31 32.28
CA ALA A 63 -4.83 -10.94 31.89
C ALA A 63 -6.08 -10.19 31.49
N LYS A 64 -6.37 -10.18 30.18
CA LYS A 64 -7.57 -9.51 29.73
C LYS A 64 -8.17 -10.28 28.56
N THR A 65 -7.51 -11.37 28.19
CA THR A 65 -7.99 -12.18 27.09
C THR A 65 -9.52 -12.31 27.21
N LYS A 66 -10.22 -12.23 26.08
CA LYS A 66 -11.70 -12.33 26.08
C LYS A 66 -12.33 -12.55 24.70
N PRO A 67 -12.44 -13.81 24.25
CA PRO A 67 -13.03 -14.14 22.94
C PRO A 67 -14.57 -14.23 22.78
N ARG A 68 -14.96 -15.25 22.00
CA ARG A 68 -16.33 -15.62 21.65
C ARG A 68 -16.21 -16.45 20.36
N GLU A 69 -17.17 -17.32 20.06
CA GLU A 69 -17.12 -18.15 18.85
C GLU A 69 -17.97 -17.54 17.72
N GLN A 70 -17.64 -17.87 16.46
CA GLN A 70 -18.40 -17.35 15.32
C GLN A 70 -18.35 -18.19 14.06
N GLN A 71 -19.54 -18.64 13.63
CA GLN A 71 -19.69 -19.47 12.43
C GLN A 71 -19.63 -18.57 11.19
N TYR A 72 -18.99 -19.07 10.13
CA TYR A 72 -18.78 -18.27 8.94
C TYR A 72 -19.18 -18.77 7.57
N ASN A 73 -18.17 -18.94 6.71
CA ASN A 73 -18.39 -19.41 5.34
C ASN A 73 -18.98 -20.77 5.50
N SER A 74 -18.07 -21.71 5.76
CA SER A 74 -18.40 -23.10 5.98
C SER A 74 -17.60 -23.52 7.21
N THR A 75 -16.92 -22.53 7.80
CA THR A 75 -16.08 -22.68 9.01
C THR A 75 -16.44 -21.73 10.16
N TYR A 76 -15.55 -21.69 11.15
CA TYR A 76 -15.70 -20.86 12.33
C TYR A 76 -14.52 -19.87 12.32
N ARG A 77 -14.70 -18.74 13.00
CA ARG A 77 -13.64 -17.74 13.14
C ARG A 77 -13.74 -17.24 14.58
N VAL A 78 -12.82 -17.68 15.42
CA VAL A 78 -12.83 -17.30 16.83
C VAL A 78 -11.77 -16.23 17.14
N VAL A 79 -12.21 -15.05 17.58
CA VAL A 79 -11.31 -13.93 17.89
C VAL A 79 -11.20 -13.66 19.39
N SER A 80 -9.96 -13.64 19.89
CA SER A 80 -9.65 -13.39 21.31
C SER A 80 -8.74 -12.16 21.42
N VAL A 81 -9.07 -11.23 22.33
CA VAL A 81 -8.29 -9.99 22.49
C VAL A 81 -7.66 -9.76 23.87
N LEU A 82 -6.43 -9.25 23.83
CA LEU A 82 -5.62 -8.92 25.00
C LEU A 82 -5.23 -7.45 25.01
N THR A 83 -5.54 -6.74 26.10
CA THR A 83 -5.21 -5.32 26.23
C THR A 83 -3.71 -5.13 26.49
N VAL A 84 -3.12 -4.07 25.95
CA VAL A 84 -1.69 -3.83 26.15
C VAL A 84 -1.35 -2.54 26.83
N LEU A 85 -0.35 -2.61 27.68
CA LEU A 85 0.08 -1.44 28.41
C LEU A 85 0.98 -0.62 27.48
N HIS A 86 0.67 0.68 27.32
CA HIS A 86 1.45 1.58 26.48
C HIS A 86 2.91 1.27 26.75
N GLN A 87 3.37 1.74 27.89
CA GLN A 87 4.73 1.53 28.31
C GLN A 87 5.35 0.29 27.71
N ASN A 88 4.92 -0.89 28.15
CA ASN A 88 5.46 -2.17 27.64
C ASN A 88 5.58 -2.25 26.12
N TRP A 89 4.55 -1.81 25.43
CA TRP A 89 4.57 -1.84 23.98
C TRP A 89 5.67 -0.97 23.40
N LEU A 90 5.60 0.33 23.66
CA LEU A 90 6.59 1.27 23.17
C LEU A 90 7.99 0.84 23.60
N ASP A 91 8.08 0.02 24.63
CA ASP A 91 9.39 -0.45 25.11
C ASP A 91 9.81 -1.77 24.45
N GLY A 92 8.90 -2.33 23.64
CA GLY A 92 9.21 -3.56 22.91
C GLY A 92 8.85 -4.91 23.49
N LYS A 93 8.13 -4.95 24.60
CA LYS A 93 7.76 -6.23 25.17
C LYS A 93 7.23 -7.04 24.01
N GLU A 94 7.73 -8.26 23.86
CA GLU A 94 7.27 -9.14 22.80
C GLU A 94 6.00 -9.83 23.28
N TYR A 95 4.96 -9.73 22.47
CA TYR A 95 3.69 -10.33 22.83
C TYR A 95 3.51 -11.60 22.04
N LYS A 96 3.05 -12.64 22.72
CA LYS A 96 2.87 -13.94 22.07
C LYS A 96 1.52 -14.64 22.24
N CYS A 97 1.01 -15.19 21.13
CA CYS A 97 -0.26 -15.89 21.13
C CYS A 97 0.04 -17.37 20.87
N LYS A 98 -0.38 -18.24 21.79
CA LYS A 98 -0.18 -19.69 21.63
C LYS A 98 -1.52 -20.41 21.62
N VAL A 99 -2.09 -20.55 20.43
CA VAL A 99 -3.38 -21.19 20.18
C VAL A 99 -3.30 -22.71 19.99
N SER A 100 -4.21 -23.43 20.61
CA SER A 100 -4.21 -24.88 20.49
C SER A 100 -5.59 -25.46 20.16
N ASN A 101 -5.61 -26.50 19.33
CA ASN A 101 -6.85 -27.24 18.97
C ASN A 101 -6.43 -28.68 18.90
N LYS A 102 -7.41 -29.55 18.65
CA LYS A 102 -7.17 -30.98 18.54
C LYS A 102 -6.93 -31.32 17.08
N ALA A 103 -7.69 -30.67 16.18
CA ALA A 103 -7.53 -30.86 14.73
C ALA A 103 -6.06 -30.55 14.46
N LEU A 104 -5.66 -29.34 14.78
CA LEU A 104 -4.28 -28.95 14.60
C LEU A 104 -3.39 -29.96 15.35
N PRO A 105 -2.20 -30.24 14.80
CA PRO A 105 -1.12 -31.14 15.25
C PRO A 105 -0.33 -30.72 16.51
N ALA A 106 0.35 -29.58 16.42
CA ALA A 106 1.10 -29.02 17.56
C ALA A 106 0.72 -27.52 17.54
N PRO A 107 0.05 -27.04 18.60
CA PRO A 107 -0.35 -25.63 18.63
C PRO A 107 0.58 -24.64 17.92
N ILE A 108 -0.06 -23.65 17.31
CA ILE A 108 0.63 -22.60 16.59
C ILE A 108 0.99 -21.51 17.58
N GLU A 109 2.19 -20.93 17.43
CA GLU A 109 2.61 -19.84 18.31
C GLU A 109 3.05 -18.63 17.49
N LYS A 110 2.12 -17.74 17.13
CA LYS A 110 2.49 -16.56 16.36
C LYS A 110 2.86 -15.45 17.35
N THR A 111 3.86 -14.63 17.00
CA THR A 111 4.37 -13.55 17.85
C THR A 111 4.15 -12.14 17.26
N ILE A 112 4.45 -11.07 18.02
CA ILE A 112 4.26 -9.69 17.51
C ILE A 112 4.72 -8.56 18.45
N SER A 113 5.68 -7.75 17.99
CA SER A 113 6.19 -6.59 18.75
C SER A 113 6.47 -5.53 17.69
N LYS A 114 6.28 -4.24 17.98
CA LYS A 114 6.57 -3.35 16.87
C LYS A 114 7.98 -2.85 16.76
N ALA A 115 8.56 -3.26 15.64
CA ALA A 115 9.92 -2.96 15.20
C ALA A 115 10.97 -2.97 16.27
N LYS A 116 12.17 -3.27 15.84
CA LYS A 116 13.31 -3.30 16.71
C LYS A 116 14.17 -2.17 16.21
N GLY A 117 15.03 -1.63 17.06
CA GLY A 117 15.90 -0.57 16.59
C GLY A 117 15.76 0.84 17.12
N GLN A 118 16.73 1.67 16.74
CA GLN A 118 16.78 3.06 17.15
C GLN A 118 15.75 3.91 16.43
N PRO A 119 14.64 4.21 17.10
CA PRO A 119 13.60 5.02 16.48
C PRO A 119 14.29 6.26 16.00
N ARG A 120 13.76 6.87 14.96
CA ARG A 120 14.36 8.09 14.47
C ARG A 120 13.29 9.14 14.35
N GLU A 121 13.69 10.36 14.72
CA GLU A 121 12.81 11.53 14.73
C GLU A 121 12.43 12.09 13.34
N PRO A 122 11.20 11.81 12.89
CA PRO A 122 10.87 12.36 11.59
C PRO A 122 11.10 13.85 11.62
N GLN A 123 11.46 14.42 10.48
CA GLN A 123 11.68 15.85 10.36
C GLN A 123 10.52 16.19 9.43
N VAL A 124 9.71 17.19 9.75
CA VAL A 124 8.58 17.50 8.86
C VAL A 124 8.59 18.85 8.17
N TYR A 125 8.18 18.84 6.90
CA TYR A 125 8.11 20.04 6.10
C TYR A 125 6.70 20.18 5.52
N THR A 126 6.26 21.41 5.30
CA THR A 126 4.95 21.70 4.70
C THR A 126 5.23 22.36 3.38
N LEU A 127 4.55 21.92 2.33
CA LEU A 127 4.78 22.50 1.01
C LEU A 127 3.50 22.94 0.31
N PRO A 128 3.54 24.12 -0.33
CA PRO A 128 2.47 24.80 -1.07
C PRO A 128 2.20 24.20 -2.44
N PRO A 129 1.10 24.61 -3.09
CA PRO A 129 0.68 24.14 -4.42
C PRO A 129 1.45 24.86 -5.53
N SER A 130 1.83 24.10 -6.56
CA SER A 130 2.57 24.67 -7.68
C SER A 130 1.75 25.78 -8.26
N ARG A 131 2.39 26.91 -8.57
CA ARG A 131 1.67 28.05 -9.14
C ARG A 131 0.66 27.50 -10.12
N GLU A 132 1.14 26.60 -10.95
CA GLU A 132 0.30 25.97 -11.96
C GLU A 132 -1.01 25.46 -11.45
N GLU A 133 -1.01 24.84 -10.28
CA GLU A 133 -2.24 24.31 -9.71
C GLU A 133 -3.27 25.43 -9.53
N MET A 134 -2.77 26.63 -9.21
CA MET A 134 -3.64 27.77 -9.01
C MET A 134 -4.58 28.00 -10.19
N THR A 135 -4.22 27.45 -11.35
CA THR A 135 -5.04 27.58 -12.54
C THR A 135 -6.41 26.93 -12.32
N LYS A 136 -6.46 25.96 -11.41
CA LYS A 136 -7.72 25.26 -11.13
C LYS A 136 -8.54 25.83 -9.96
N ASN A 137 -9.81 25.41 -9.93
CA ASN A 137 -10.83 25.77 -8.95
C ASN A 137 -10.59 25.21 -7.51
N GLN A 138 -9.59 24.32 -7.38
CA GLN A 138 -9.24 23.70 -6.09
C GLN A 138 -7.74 23.35 -5.99
N VAL A 139 -6.99 24.13 -5.22
CA VAL A 139 -5.56 23.89 -5.02
C VAL A 139 -5.35 22.72 -4.07
N SER A 140 -4.09 22.36 -3.86
CA SER A 140 -3.76 21.23 -2.99
C SER A 140 -2.49 21.43 -2.15
N LEU A 141 -2.66 21.41 -0.83
CA LEU A 141 -1.58 21.59 0.12
C LEU A 141 -0.90 20.24 0.36
N THR A 142 0.41 20.22 0.66
CA THR A 142 1.11 18.95 0.89
C THR A 142 2.21 18.96 1.96
N CYS A 143 2.10 18.12 2.98
CA CYS A 143 3.14 18.07 4.01
C CYS A 143 3.84 16.71 3.99
N LEU A 144 5.11 16.69 3.58
CA LEU A 144 5.91 15.47 3.53
C LEU A 144 6.38 15.19 4.94
N VAL A 145 6.39 13.93 5.33
CA VAL A 145 6.85 13.54 6.65
C VAL A 145 7.91 12.52 6.33
N LYS A 146 9.17 12.89 6.51
CA LYS A 146 10.28 12.00 6.19
C LYS A 146 11.20 11.57 7.31
N GLY A 147 12.16 10.73 6.93
CA GLY A 147 13.16 10.19 7.84
C GLY A 147 12.79 9.71 9.23
N PHE A 148 11.62 9.08 9.38
CA PHE A 148 11.19 8.59 10.69
C PHE A 148 11.24 7.07 10.79
N TYR A 149 11.22 6.54 12.02
CA TYR A 149 11.25 5.09 12.29
C TYR A 149 10.56 4.83 13.62
N PRO A 150 9.70 3.80 13.69
CA PRO A 150 9.33 2.90 12.60
C PRO A 150 8.08 3.42 11.90
N SER A 151 7.61 2.67 10.90
CA SER A 151 6.44 3.05 10.14
C SER A 151 5.32 3.65 10.99
N ASP A 152 5.04 3.05 12.14
CA ASP A 152 3.99 3.56 13.03
C ASP A 152 3.98 5.07 13.02
N ILE A 153 2.81 5.68 12.83
CA ILE A 153 2.68 7.13 12.80
C ILE A 153 1.36 7.47 12.16
N ALA A 154 0.79 8.59 12.54
CA ALA A 154 -0.48 9.01 11.95
C ALA A 154 -0.49 10.53 11.76
N VAL A 155 -1.14 10.97 10.69
CA VAL A 155 -1.20 12.39 10.38
C VAL A 155 -2.64 12.87 10.36
N GLU A 156 -2.85 14.12 10.82
CA GLU A 156 -4.17 14.76 10.87
C GLU A 156 -4.07 16.24 10.47
N TRP A 157 -5.11 16.76 9.82
CA TRP A 157 -5.14 18.15 9.35
C TRP A 157 -6.03 19.10 10.16
N GLU A 158 -5.52 20.30 10.43
CA GLU A 158 -6.24 21.33 11.17
C GLU A 158 -6.04 22.70 10.48
N SER A 159 -7.16 23.40 10.24
CA SER A 159 -7.18 24.73 9.62
C SER A 159 -7.39 25.82 10.69
N ASN A 160 -7.57 25.33 11.90
CA ASN A 160 -7.85 26.13 13.07
C ASN A 160 -7.75 25.10 14.20
N GLY A 161 -8.63 25.19 15.20
CA GLY A 161 -8.62 24.19 16.24
C GLY A 161 -9.36 23.02 15.60
N GLN A 162 -10.26 23.38 14.68
CA GLN A 162 -11.04 22.40 13.95
C GLN A 162 -10.22 21.81 12.80
N PRO A 163 -10.18 20.47 12.72
CA PRO A 163 -9.46 19.68 11.71
C PRO A 163 -10.35 19.47 10.45
N GLU A 164 -9.72 19.38 9.28
CA GLU A 164 -10.46 19.23 8.03
C GLU A 164 -10.88 17.80 7.62
N ASN A 165 -11.52 17.70 6.45
CA ASN A 165 -12.00 16.42 5.93
C ASN A 165 -11.38 15.99 4.60
N ASN A 166 -11.36 16.89 3.62
CA ASN A 166 -10.80 16.57 2.31
C ASN A 166 -9.30 16.29 2.40
N TYR A 167 -8.92 15.05 2.64
CA TYR A 167 -7.49 14.72 2.71
C TYR A 167 -7.21 13.21 2.88
N LYS A 168 -6.16 12.72 2.22
CA LYS A 168 -5.79 11.30 2.30
C LYS A 168 -4.32 11.17 2.74
N THR A 169 -3.87 9.96 3.03
CA THR A 169 -2.50 9.78 3.49
C THR A 169 -1.82 8.51 2.99
N THR A 170 -0.92 8.67 2.02
CA THR A 170 -0.22 7.54 1.48
C THR A 170 0.36 6.73 2.61
N PRO A 171 0.51 5.42 2.41
CA PRO A 171 1.10 4.62 3.49
C PRO A 171 2.57 4.90 3.34
N PRO A 172 3.40 4.39 4.22
CA PRO A 172 4.83 4.63 4.12
C PRO A 172 5.56 3.77 3.12
N VAL A 173 6.75 4.21 2.75
CA VAL A 173 7.57 3.49 1.81
C VAL A 173 8.94 3.48 2.46
N LEU A 174 9.74 2.47 2.18
CA LEU A 174 11.06 2.43 2.78
C LEU A 174 11.93 3.31 1.93
N ASP A 175 12.81 4.04 2.58
CA ASP A 175 13.72 4.92 1.89
C ASP A 175 15.06 4.22 1.97
N SER A 176 16.14 4.91 1.62
CA SER A 176 17.44 4.28 1.68
C SER A 176 18.06 4.31 3.06
N ASP A 177 17.70 5.30 3.87
CA ASP A 177 18.24 5.44 5.24
C ASP A 177 17.84 4.26 6.08
N GLY A 178 16.88 3.50 5.58
CA GLY A 178 16.36 2.40 6.35
C GLY A 178 15.31 3.14 7.12
N SER A 179 15.15 4.41 6.75
CA SER A 179 14.19 5.30 7.36
C SER A 179 12.87 5.11 6.66
N PHE A 180 11.91 5.97 6.99
CA PHE A 180 10.56 5.89 6.40
C PHE A 180 10.05 7.30 6.12
N PHE A 181 9.16 7.42 5.14
CA PHE A 181 8.55 8.69 4.78
C PHE A 181 7.19 8.45 4.16
N LEU A 182 6.33 9.47 4.16
CA LEU A 182 5.00 9.32 3.61
C LEU A 182 4.46 10.71 3.39
N TYR A 183 3.55 10.88 2.44
CA TYR A 183 2.95 12.20 2.14
C TYR A 183 1.48 12.22 2.53
N SER A 184 0.87 13.39 2.41
CA SER A 184 -0.55 13.56 2.72
C SER A 184 -1.13 14.81 2.08
N LYS A 185 -2.19 14.61 1.30
CA LYS A 185 -2.86 15.68 0.57
C LYS A 185 -4.17 16.16 1.21
N LEU A 186 -4.35 17.49 1.23
CA LEU A 186 -5.56 18.11 1.76
C LEU A 186 -6.00 19.07 0.66
N THR A 187 -6.78 18.58 -0.29
CA THR A 187 -7.25 19.44 -1.36
C THR A 187 -8.12 20.49 -0.68
N VAL A 188 -8.00 21.74 -1.11
CA VAL A 188 -8.80 22.81 -0.51
C VAL A 188 -9.25 23.79 -1.60
N ASP A 189 -10.48 24.29 -1.50
CA ASP A 189 -11.03 25.21 -2.50
C ASP A 189 -10.22 26.51 -2.56
N LYS A 190 -9.70 26.83 -3.75
CA LYS A 190 -8.88 28.02 -4.02
C LYS A 190 -9.04 29.22 -3.07
N SER A 191 -10.19 29.86 -3.10
CA SER A 191 -10.50 31.04 -2.28
C SER A 191 -9.86 30.99 -0.91
N ARG A 192 -10.26 29.99 -0.12
CA ARG A 192 -9.75 29.82 1.22
C ARG A 192 -8.24 29.95 1.33
N TRP A 193 -7.51 29.35 0.38
CA TRP A 193 -6.06 29.42 0.35
C TRP A 193 -5.58 30.85 0.14
N GLN A 194 -6.24 31.55 -0.80
CA GLN A 194 -5.89 32.93 -1.11
C GLN A 194 -6.29 33.78 0.10
N GLN A 195 -7.48 33.50 0.65
CA GLN A 195 -7.99 34.20 1.81
C GLN A 195 -7.01 33.96 2.97
N GLY A 196 -5.74 33.67 2.63
CA GLY A 196 -4.68 33.43 3.59
C GLY A 196 -5.06 32.79 4.92
N ASN A 197 -5.69 31.62 4.87
CA ASN A 197 -6.06 30.94 6.11
C ASN A 197 -4.86 30.11 6.55
N VAL A 198 -4.76 29.84 7.85
CA VAL A 198 -3.66 29.06 8.42
C VAL A 198 -4.03 27.59 8.60
N PHE A 199 -3.26 26.69 7.98
CA PHE A 199 -3.51 25.26 8.11
C PHE A 199 -2.33 24.54 8.70
N SER A 200 -2.62 23.44 9.38
CA SER A 200 -1.55 22.70 10.04
C SER A 200 -1.78 21.22 9.95
N CYS A 201 -0.70 20.48 9.65
CA CYS A 201 -0.76 19.02 9.56
C CYS A 201 -0.05 18.48 10.82
N SER A 202 -0.78 17.72 11.62
CA SER A 202 -0.27 17.17 12.88
C SER A 202 0.34 15.78 12.74
N VAL A 203 1.51 15.60 13.35
CA VAL A 203 2.21 14.34 13.28
C VAL A 203 2.46 13.72 14.64
N MET A 204 1.70 12.69 14.98
CA MET A 204 1.87 11.99 16.25
C MET A 204 2.78 10.80 15.99
N HIS A 205 3.87 10.67 16.76
CA HIS A 205 4.81 9.56 16.60
C HIS A 205 5.53 9.23 17.90
N GLU A 206 6.23 8.11 17.90
CA GLU A 206 6.97 7.62 19.07
C GLU A 206 8.07 8.55 19.58
N ALA A 207 8.86 9.14 18.68
CA ALA A 207 9.97 10.00 19.09
C ALA A 207 9.74 11.51 19.16
N LEU A 208 8.57 12.00 18.78
CA LEU A 208 8.31 13.43 18.86
C LEU A 208 8.19 13.74 20.37
N HIS A 209 9.06 14.61 20.87
CA HIS A 209 9.10 14.97 22.30
C HIS A 209 7.85 14.59 23.06
N ASN A 210 6.74 15.26 22.77
CA ASN A 210 5.51 14.94 23.46
C ASN A 210 4.61 14.10 22.54
N HIS A 211 5.25 13.25 21.74
CA HIS A 211 4.58 12.35 20.80
C HIS A 211 3.70 13.13 19.87
N TYR A 212 4.22 14.27 19.43
CA TYR A 212 3.47 15.14 18.56
C TYR A 212 4.34 16.30 18.15
N THR A 213 3.88 16.93 17.08
CA THR A 213 4.52 18.06 16.49
C THR A 213 3.51 18.55 15.46
N GLN A 214 3.48 19.86 15.23
CA GLN A 214 2.54 20.40 14.28
C GLN A 214 3.26 21.48 13.52
N LYS A 215 2.93 21.60 12.24
CA LYS A 215 3.51 22.63 11.38
C LYS A 215 2.33 23.30 10.68
N SER A 216 2.56 24.47 10.11
CA SER A 216 1.48 25.19 9.45
C SER A 216 1.85 25.78 8.09
N LEU A 217 0.83 25.89 7.23
CA LEU A 217 0.98 26.46 5.90
C LEU A 217 -0.01 27.63 5.81
N SER A 218 0.45 28.77 5.29
CA SER A 218 -0.40 29.96 5.15
C SER A 218 0.17 30.96 4.17
N LEU A 219 -0.70 31.44 3.26
CA LEU A 219 -0.33 32.39 2.21
C LEU A 219 1.03 32.12 1.60
N SER A 220 1.02 31.64 0.44
N PRO B 14 -9.97 -26.68 -4.22
CA PRO B 14 -9.07 -26.25 -5.31
C PRO B 14 -9.63 -24.94 -5.86
N SER B 15 -8.87 -23.85 -5.75
CA SER B 15 -9.33 -22.55 -6.21
C SER B 15 -8.36 -21.81 -7.14
N VAL B 16 -8.92 -21.07 -8.08
CA VAL B 16 -8.15 -20.34 -9.07
C VAL B 16 -8.01 -18.85 -8.81
N PHE B 17 -6.89 -18.29 -9.27
CA PHE B 17 -6.56 -16.87 -9.09
C PHE B 17 -5.97 -16.20 -10.35
N LEU B 18 -6.64 -15.17 -10.91
CA LEU B 18 -6.13 -14.48 -12.10
C LEU B 18 -5.30 -13.28 -11.72
N PHE B 19 -4.21 -13.07 -12.45
CA PHE B 19 -3.29 -11.96 -12.17
C PHE B 19 -3.04 -10.98 -13.30
N PRO B 20 -3.57 -9.75 -13.18
CA PRO B 20 -3.37 -8.74 -14.21
C PRO B 20 -1.89 -8.44 -14.31
N PRO B 21 -1.46 -7.89 -15.45
CA PRO B 21 -0.07 -7.55 -15.73
C PRO B 21 0.45 -6.34 -14.97
N LYS B 22 1.77 -6.23 -14.84
CA LYS B 22 2.35 -5.07 -14.17
C LYS B 22 2.15 -3.88 -15.11
N PRO B 23 1.90 -2.70 -14.55
CA PRO B 23 1.68 -1.51 -15.34
C PRO B 23 2.79 -1.28 -16.32
N LYS B 24 3.96 -1.02 -15.75
CA LYS B 24 5.16 -0.75 -16.49
C LYS B 24 5.19 -1.54 -17.81
N ASP B 25 4.99 -2.84 -17.69
CA ASP B 25 5.02 -3.69 -18.87
C ASP B 25 3.88 -3.51 -19.87
N THR B 26 2.84 -2.78 -19.52
CA THR B 26 1.76 -2.63 -20.48
C THR B 26 1.95 -1.36 -21.23
N LEU B 27 2.24 -0.30 -20.51
CA LEU B 27 2.42 1.00 -21.12
C LEU B 27 3.61 1.16 -22.06
N MET B 28 4.59 0.27 -21.98
CA MET B 28 5.79 0.36 -22.85
C MET B 28 5.82 -0.65 -23.99
N ILE B 29 6.36 -0.23 -25.14
CA ILE B 29 6.43 -1.10 -26.31
C ILE B 29 7.56 -2.10 -26.21
N SER B 30 8.44 -1.86 -25.24
CA SER B 30 9.63 -2.70 -25.00
C SER B 30 9.34 -4.02 -24.29
N ARG B 31 8.46 -3.95 -23.29
CA ARG B 31 8.13 -5.10 -22.46
C ARG B 31 7.07 -6.08 -22.96
N THR B 32 7.01 -7.21 -22.25
CA THR B 32 6.08 -8.27 -22.55
C THR B 32 5.21 -8.38 -21.34
N PRO B 33 4.02 -7.78 -21.35
CA PRO B 33 3.12 -7.86 -20.21
C PRO B 33 2.34 -9.16 -20.31
N GLU B 34 2.20 -9.85 -19.19
CA GLU B 34 1.51 -11.13 -19.20
C GLU B 34 0.45 -11.29 -18.10
N VAL B 35 -0.66 -11.95 -18.46
CA VAL B 35 -1.75 -12.21 -17.53
C VAL B 35 -1.45 -13.57 -16.93
N THR B 36 -1.47 -13.67 -15.61
CA THR B 36 -1.15 -14.92 -14.95
C THR B 36 -2.33 -15.59 -14.26
N CYS B 37 -2.51 -16.89 -14.49
CA CYS B 37 -3.59 -17.66 -13.86
C CYS B 37 -2.90 -18.70 -12.98
N VAL B 38 -3.38 -18.87 -11.74
CA VAL B 38 -2.78 -19.83 -10.81
C VAL B 38 -3.80 -20.70 -10.12
N VAL B 39 -3.45 -21.97 -9.89
CA VAL B 39 -4.32 -22.92 -9.21
C VAL B 39 -3.60 -23.43 -7.95
N VAL B 40 -4.24 -23.32 -6.80
CA VAL B 40 -3.64 -23.79 -5.56
C VAL B 40 -4.56 -24.81 -4.91
N ASP B 41 -3.98 -25.68 -4.08
CA ASP B 41 -4.78 -26.69 -3.42
C ASP B 41 -5.15 -27.76 -4.46
N VAL B 42 -4.16 -28.38 -5.08
CA VAL B 42 -4.42 -29.40 -6.09
C VAL B 42 -4.14 -30.81 -5.58
N SER B 43 -5.16 -31.40 -4.95
CA SER B 43 -5.15 -32.71 -4.34
C SER B 43 -4.33 -33.80 -4.96
N HIS B 44 -3.43 -34.34 -4.15
CA HIS B 44 -2.54 -35.40 -4.53
C HIS B 44 -3.13 -36.48 -5.41
N GLU B 45 -4.40 -36.80 -5.16
CA GLU B 45 -5.11 -37.87 -5.87
C GLU B 45 -5.69 -37.44 -7.23
N ASP B 46 -6.00 -36.16 -7.34
CA ASP B 46 -6.54 -35.58 -8.57
C ASP B 46 -5.64 -34.41 -9.00
N PRO B 47 -4.40 -34.71 -9.40
CA PRO B 47 -3.36 -33.78 -9.84
C PRO B 47 -3.56 -33.22 -11.21
N GLN B 48 -4.47 -33.79 -11.98
CA GLN B 48 -4.68 -33.27 -13.30
C GLN B 48 -5.51 -31.96 -13.34
N VAL B 49 -4.87 -30.94 -13.91
CA VAL B 49 -5.45 -29.64 -14.05
C VAL B 49 -5.31 -29.36 -15.54
N LYS B 50 -6.39 -28.95 -16.20
CA LYS B 50 -6.34 -28.68 -17.64
C LYS B 50 -6.82 -27.25 -17.99
N PHE B 51 -5.86 -26.35 -18.24
CA PHE B 51 -6.17 -24.96 -18.54
C PHE B 51 -6.81 -24.70 -19.89
N ASN B 52 -7.77 -23.78 -19.91
CA ASN B 52 -8.46 -23.39 -21.13
C ASN B 52 -8.56 -21.86 -21.19
N TRP B 53 -7.80 -21.22 -22.07
CA TRP B 53 -7.84 -19.77 -22.16
C TRP B 53 -8.66 -19.23 -23.32
N TYR B 54 -9.57 -18.30 -23.01
CA TYR B 54 -10.43 -17.64 -23.99
C TYR B 54 -10.23 -16.13 -23.98
N VAL B 55 -9.87 -15.62 -25.14
CA VAL B 55 -9.62 -14.20 -25.33
C VAL B 55 -10.90 -13.52 -25.75
N ASP B 56 -11.46 -12.74 -24.84
CA ASP B 56 -12.70 -12.02 -25.08
C ASP B 56 -13.79 -13.03 -25.37
N GLY B 57 -13.58 -13.85 -26.39
CA GLY B 57 -14.57 -14.85 -26.72
C GLY B 57 -13.97 -16.08 -27.37
N VAL B 58 -13.14 -15.84 -28.37
CA VAL B 58 -12.48 -16.90 -29.09
C VAL B 58 -11.48 -17.59 -28.17
N GLN B 59 -11.43 -18.92 -28.18
CA GLN B 59 -10.47 -19.65 -27.34
C GLN B 59 -9.09 -19.40 -27.95
N VAL B 60 -8.10 -18.97 -27.16
CA VAL B 60 -6.79 -18.76 -27.75
C VAL B 60 -6.01 -20.04 -27.75
N HIS B 61 -6.70 -21.14 -27.47
CA HIS B 61 -6.13 -22.48 -27.41
C HIS B 61 -4.66 -22.49 -26.97
N ASN B 62 -3.75 -22.91 -27.84
CA ASN B 62 -2.33 -22.94 -27.49
C ASN B 62 -1.76 -21.54 -27.23
N ALA B 63 -2.19 -20.57 -28.04
CA ALA B 63 -1.75 -19.18 -27.93
C ALA B 63 -0.35 -19.11 -27.36
N LYS B 64 -0.24 -18.99 -26.03
CA LYS B 64 1.06 -18.92 -25.39
C LYS B 64 1.03 -19.66 -24.06
N THR B 65 -0.14 -20.11 -23.66
CA THR B 65 -0.24 -20.83 -22.41
C THR B 65 1.02 -21.71 -22.24
N LYS B 66 1.56 -21.78 -21.03
CA LYS B 66 2.75 -22.61 -20.76
C LYS B 66 3.07 -22.86 -19.27
N PRO B 67 2.42 -23.86 -18.65
CA PRO B 67 2.60 -24.22 -17.24
C PRO B 67 3.84 -25.02 -16.74
N ARG B 68 3.59 -25.91 -15.78
CA ARG B 68 4.57 -26.77 -15.12
C ARG B 68 3.90 -27.18 -13.81
N GLU B 69 4.24 -28.33 -13.24
CA GLU B 69 3.62 -28.71 -11.97
C GLU B 69 4.57 -28.41 -10.79
N GLN B 70 4.04 -28.29 -9.58
CA GLN B 70 4.89 -27.98 -8.41
C GLN B 70 4.31 -28.43 -7.06
N GLN B 71 5.05 -29.32 -6.38
CA GLN B 71 4.66 -29.87 -5.07
C GLN B 71 4.91 -28.79 -4.01
N TYR B 72 4.04 -28.63 -3.03
CA TYR B 72 4.22 -27.58 -2.03
C TYR B 72 4.13 -27.88 -0.52
N ASN B 73 3.05 -27.33 0.01
CA ASN B 73 2.53 -27.41 1.38
C ASN B 73 2.55 -28.90 1.73
N SER B 74 1.38 -29.45 1.41
CA SER B 74 1.04 -30.85 1.49
C SER B 74 0.23 -31.03 0.21
N THR B 75 0.22 -29.98 -0.61
CA THR B 75 -0.50 -29.98 -1.90
C THR B 75 0.39 -29.54 -3.07
N TYR B 76 -0.29 -29.21 -4.18
CA TYR B 76 0.37 -28.76 -5.39
C TYR B 76 -0.04 -27.36 -5.77
N ARG B 77 0.77 -26.73 -6.61
CA ARG B 77 0.51 -25.37 -7.11
C ARG B 77 0.95 -25.33 -8.57
N VAL B 78 0.00 -25.39 -9.49
CA VAL B 78 0.37 -25.33 -10.89
C VAL B 78 0.01 -24.01 -11.54
N VAL B 79 1.04 -23.31 -12.03
CA VAL B 79 0.87 -22.02 -12.66
C VAL B 79 1.04 -22.05 -14.17
N SER B 80 0.03 -21.53 -14.88
CA SER B 80 0.02 -21.46 -16.36
C SER B 80 -0.06 -19.99 -16.79
N VAL B 81 0.81 -19.59 -17.73
CA VAL B 81 0.92 -18.21 -18.21
C VAL B 81 0.61 -17.97 -19.68
N LEU B 82 -0.11 -16.87 -19.95
CA LEU B 82 -0.50 -16.47 -21.29
C LEU B 82 -0.08 -15.02 -21.58
N THR B 83 0.66 -14.84 -22.68
CA THR B 83 1.14 -13.52 -23.09
C THR B 83 0.00 -12.64 -23.59
N VAL B 84 0.09 -11.35 -23.35
CA VAL B 84 -0.96 -10.42 -23.74
C VAL B 84 -0.53 -9.33 -24.65
N LEU B 85 -1.33 -9.03 -25.66
CA LEU B 85 -0.98 -7.96 -26.58
C LEU B 85 -1.44 -6.62 -25.98
N HIS B 86 -0.52 -5.65 -25.87
CA HIS B 86 -0.89 -4.35 -25.29
C HIS B 86 -2.21 -3.93 -25.83
N GLN B 87 -2.20 -3.52 -27.10
CA GLN B 87 -3.39 -3.08 -27.81
C GLN B 87 -4.61 -3.67 -27.15
N ASN B 88 -4.82 -4.96 -27.37
CA ASN B 88 -5.96 -5.66 -26.80
C ASN B 88 -6.21 -5.33 -25.32
N TRP B 89 -5.18 -5.36 -24.49
CA TRP B 89 -5.39 -5.06 -23.08
C TRP B 89 -5.93 -3.65 -22.87
N LEU B 90 -5.14 -2.66 -23.26
CA LEU B 90 -5.53 -1.26 -23.12
C LEU B 90 -6.92 -1.01 -23.70
N ASP B 91 -7.35 -1.85 -24.62
CA ASP B 91 -8.67 -1.70 -25.24
C ASP B 91 -9.74 -2.49 -24.50
N GLY B 92 -9.33 -3.17 -23.44
CA GLY B 92 -10.28 -3.93 -22.62
C GLY B 92 -10.68 -5.34 -22.97
N LYS B 93 -10.03 -5.98 -23.93
CA LYS B 93 -10.41 -7.35 -24.25
C LYS B 93 -10.48 -8.10 -22.93
N GLU B 94 -11.59 -8.80 -22.71
CA GLU B 94 -11.75 -9.55 -21.48
C GLU B 94 -10.94 -10.85 -21.58
N TYR B 95 -10.09 -11.12 -20.61
CA TYR B 95 -9.30 -12.34 -20.63
C TYR B 95 -9.93 -13.34 -19.68
N LYS B 96 -10.06 -14.59 -20.12
CA LYS B 96 -10.70 -15.64 -19.32
C LYS B 96 -9.93 -16.95 -19.11
N CYS B 97 -9.88 -17.42 -17.87
CA CYS B 97 -9.19 -18.66 -17.51
C CYS B 97 -10.26 -19.70 -17.14
N LYS B 98 -10.29 -20.84 -17.83
CA LYS B 98 -11.26 -21.89 -17.54
C LYS B 98 -10.51 -23.14 -17.18
N VAL B 99 -10.26 -23.31 -15.88
CA VAL B 99 -9.51 -24.45 -15.35
C VAL B 99 -10.37 -25.64 -14.98
N SER B 100 -9.90 -26.84 -15.30
CA SER B 100 -10.65 -28.05 -15.00
C SER B 100 -9.84 -29.14 -14.31
N ASN B 101 -10.50 -29.86 -13.40
CA ASN B 101 -9.92 -30.95 -12.67
C ASN B 101 -11.01 -31.98 -12.49
N LYS B 102 -10.65 -33.13 -11.93
CA LYS B 102 -11.61 -34.19 -11.70
C LYS B 102 -12.16 -34.06 -10.28
N ALA B 103 -11.26 -33.76 -9.34
CA ALA B 103 -11.67 -33.59 -7.95
C ALA B 103 -12.74 -32.51 -8.00
N LEU B 104 -12.39 -31.37 -8.59
CA LEU B 104 -13.33 -30.26 -8.74
C LEU B 104 -14.59 -30.79 -9.44
N PRO B 105 -15.77 -30.23 -9.10
CA PRO B 105 -17.12 -30.54 -9.59
C PRO B 105 -17.42 -30.06 -11.01
N ALA B 106 -17.35 -28.75 -11.18
CA ALA B 106 -17.58 -28.11 -12.47
C ALA B 106 -16.46 -27.09 -12.61
N PRO B 107 -15.67 -27.20 -13.67
CA PRO B 107 -14.58 -26.26 -13.86
C PRO B 107 -14.85 -24.84 -13.37
N ILE B 108 -13.81 -24.21 -12.84
CA ILE B 108 -13.89 -22.85 -12.36
C ILE B 108 -13.51 -21.94 -13.51
N GLU B 109 -14.18 -20.80 -13.63
CA GLU B 109 -13.89 -19.86 -14.69
C GLU B 109 -13.69 -18.46 -14.15
N LYS B 110 -12.47 -18.12 -13.75
CA LYS B 110 -12.23 -16.78 -13.25
C LYS B 110 -11.84 -15.92 -14.45
N THR B 111 -12.24 -14.65 -14.44
CA THR B 111 -11.94 -13.73 -15.55
C THR B 111 -11.17 -12.47 -15.11
N ILE B 112 -10.77 -11.61 -16.05
CA ILE B 112 -10.02 -10.42 -15.67
C ILE B 112 -9.66 -9.48 -16.81
N SER B 113 -10.00 -8.21 -16.63
CA SER B 113 -9.71 -7.14 -17.61
C SER B 113 -9.45 -5.86 -16.86
N LYS B 114 -8.66 -4.98 -17.45
CA LYS B 114 -8.40 -3.71 -16.80
C LYS B 114 -9.79 -3.29 -16.41
N ALA B 115 -9.93 -2.60 -15.29
CA ALA B 115 -11.26 -2.18 -14.84
C ALA B 115 -11.87 -1.05 -15.64
N LYS B 116 -12.90 -1.36 -16.43
CA LYS B 116 -13.60 -0.36 -17.24
C LYS B 116 -13.67 0.93 -16.39
N GLY B 117 -13.90 2.08 -17.00
CA GLY B 117 -13.97 3.30 -16.21
C GLY B 117 -13.44 4.52 -16.93
N GLN B 118 -14.35 5.32 -17.46
CA GLN B 118 -14.00 6.52 -18.23
C GLN B 118 -12.80 7.20 -17.60
N PRO B 119 -11.61 6.91 -18.14
CA PRO B 119 -10.29 7.40 -17.74
C PRO B 119 -10.18 8.91 -17.49
N ARG B 120 -9.34 9.29 -16.55
CA ARG B 120 -9.14 10.71 -16.22
C ARG B 120 -7.69 11.13 -16.44
N GLU B 121 -7.50 12.12 -17.31
CA GLU B 121 -6.15 12.58 -17.61
C GLU B 121 -5.34 13.05 -16.41
N PRO B 122 -4.46 12.20 -15.91
CA PRO B 122 -3.62 12.51 -14.77
C PRO B 122 -3.02 13.89 -14.86
N GLN B 123 -3.25 14.70 -13.83
CA GLN B 123 -2.68 16.05 -13.76
C GLN B 123 -1.31 15.83 -13.14
N VAL B 124 -0.31 16.57 -13.59
CA VAL B 124 1.02 16.38 -13.02
C VAL B 124 1.72 17.70 -12.75
N TYR B 125 2.05 17.98 -11.48
CA TYR B 125 2.76 19.22 -11.09
C TYR B 125 4.13 18.92 -10.52
N THR B 126 4.96 19.96 -10.39
CA THR B 126 6.29 19.77 -9.83
C THR B 126 6.41 20.74 -8.67
N LEU B 127 6.87 20.25 -7.52
CA LEU B 127 7.01 21.07 -6.31
C LEU B 127 8.43 21.04 -5.73
N PRO B 128 8.97 22.22 -5.41
CA PRO B 128 10.31 22.37 -4.84
C PRO B 128 10.37 22.10 -3.32
N PRO B 129 11.59 22.02 -2.74
CA PRO B 129 11.79 21.77 -1.31
C PRO B 129 11.56 22.99 -0.42
N SER B 130 10.93 22.80 0.74
CA SER B 130 10.69 23.92 1.64
C SER B 130 11.98 24.60 1.99
N ARG B 131 11.93 25.93 2.01
CA ARG B 131 13.09 26.72 2.34
C ARG B 131 13.77 25.94 3.46
N GLU B 132 12.96 25.57 4.45
CA GLU B 132 13.42 24.82 5.61
C GLU B 132 14.36 23.67 5.27
N GLU B 133 14.05 22.89 4.24
CA GLU B 133 14.93 21.77 3.95
C GLU B 133 16.34 22.21 3.53
N MET B 134 16.44 23.40 2.93
CA MET B 134 17.72 23.92 2.50
C MET B 134 18.73 23.84 3.60
N THR B 135 18.26 23.82 4.84
CA THR B 135 19.15 23.76 6.01
C THR B 135 20.05 22.53 5.99
N LYS B 136 19.59 21.45 5.36
CA LYS B 136 20.40 20.23 5.32
C LYS B 136 21.23 20.04 4.05
N ASN B 137 22.20 19.14 4.14
CA ASN B 137 23.09 18.89 3.02
C ASN B 137 22.51 18.07 1.85
N GLN B 138 21.20 17.80 1.88
CA GLN B 138 20.53 17.07 0.80
C GLN B 138 19.04 17.47 0.70
N VAL B 139 18.70 18.32 -0.27
CA VAL B 139 17.32 18.78 -0.49
C VAL B 139 16.47 17.69 -1.15
N SER B 140 15.17 17.95 -1.28
CA SER B 140 14.26 16.96 -1.87
C SER B 140 13.19 17.57 -2.78
N LEU B 141 13.22 17.19 -4.06
CA LEU B 141 12.25 17.68 -5.04
C LEU B 141 11.02 16.77 -5.01
N THR B 142 9.84 17.29 -5.38
CA THR B 142 8.58 16.52 -5.34
C THR B 142 7.58 16.74 -6.46
N CYS B 143 7.24 15.72 -7.23
CA CYS B 143 6.24 15.92 -8.26
C CYS B 143 4.98 15.11 -7.99
N LEU B 144 3.90 15.79 -7.62
CA LEU B 144 2.61 15.17 -7.33
C LEU B 144 1.95 14.83 -8.66
N VAL B 145 1.32 13.67 -8.74
CA VAL B 145 0.61 13.25 -9.94
C VAL B 145 -0.79 12.97 -9.45
N LYS B 146 -1.72 13.85 -9.79
CA LYS B 146 -3.07 13.70 -9.30
C LYS B 146 -4.18 13.49 -10.31
N GLY B 147 -5.37 13.28 -9.74
CA GLY B 147 -6.60 13.08 -10.49
C GLY B 147 -6.61 12.22 -11.73
N PHE B 148 -5.88 11.11 -11.73
CA PHE B 148 -5.90 10.27 -12.92
C PHE B 148 -6.65 8.99 -12.66
N TYR B 149 -6.90 8.23 -13.72
CA TYR B 149 -7.59 6.98 -13.58
C TYR B 149 -7.28 6.12 -14.79
N PRO B 150 -7.03 4.82 -14.61
CA PRO B 150 -7.02 4.16 -13.31
C PRO B 150 -5.61 4.12 -12.73
N SER B 151 -5.49 3.46 -11.60
CA SER B 151 -4.23 3.32 -10.89
C SER B 151 -3.02 3.19 -11.80
N ASP B 152 -3.08 2.26 -12.74
CA ASP B 152 -1.95 2.05 -13.65
C ASP B 152 -1.28 3.38 -14.03
N ILE B 153 0.04 3.43 -13.95
CA ILE B 153 0.79 4.63 -14.26
C ILE B 153 2.17 4.41 -13.72
N ALA B 154 3.17 4.98 -14.39
CA ALA B 154 4.55 4.83 -13.98
C ALA B 154 5.24 6.17 -14.01
N VAL B 155 6.10 6.40 -13.03
CA VAL B 155 6.81 7.65 -12.95
C VAL B 155 8.33 7.42 -12.94
N GLU B 156 9.07 8.29 -13.63
CA GLU B 156 10.53 8.19 -13.73
C GLU B 156 11.17 9.58 -13.76
N TRP B 157 12.37 9.72 -13.20
CA TRP B 157 13.01 11.03 -13.16
C TRP B 157 14.23 11.24 -14.07
N GLU B 158 14.28 12.41 -14.71
CA GLU B 158 15.38 12.80 -15.61
C GLU B 158 15.93 14.20 -15.28
N SER B 159 17.26 14.31 -15.22
CA SER B 159 17.99 15.54 -14.91
C SER B 159 18.55 16.16 -16.19
N ASN B 160 18.51 15.34 -17.23
CA ASN B 160 18.97 15.72 -18.54
C ASN B 160 18.35 14.60 -19.35
N GLY B 161 19.10 14.06 -20.31
CA GLY B 161 18.58 12.96 -21.10
C GLY B 161 18.71 11.77 -20.17
N GLN B 162 19.73 11.87 -19.33
CA GLN B 162 20.03 10.85 -18.35
C GLN B 162 19.05 10.98 -17.19
N PRO B 163 18.47 9.85 -16.78
CA PRO B 163 17.51 9.62 -15.71
C PRO B 163 18.25 9.36 -14.39
N GLU B 164 17.69 9.83 -13.27
CA GLU B 164 18.36 9.63 -11.97
C GLU B 164 18.13 8.30 -11.19
N ASN B 165 18.75 8.19 -10.02
CA ASN B 165 18.68 7.00 -9.18
C ASN B 165 17.97 7.20 -7.83
N ASN B 166 18.43 8.17 -7.04
CA ASN B 166 17.82 8.41 -5.73
C ASN B 166 16.37 8.90 -5.83
N TYR B 167 15.43 7.96 -5.86
CA TYR B 167 14.01 8.31 -5.94
C TYR B 167 13.06 7.11 -5.75
N LYS B 168 11.96 7.33 -5.01
CA LYS B 168 10.96 6.29 -4.77
C LYS B 168 9.58 6.83 -5.18
N THR B 169 8.58 5.95 -5.29
CA THR B 169 7.24 6.36 -5.70
C THR B 169 6.10 5.70 -4.94
N THR B 170 5.46 6.47 -4.05
CA THR B 170 4.36 5.95 -3.27
C THR B 170 3.43 5.23 -4.19
N PRO B 171 2.67 4.28 -3.66
CA PRO B 171 1.73 3.58 -4.53
C PRO B 171 0.61 4.58 -4.50
N PRO B 172 -0.45 4.36 -5.28
CA PRO B 172 -1.62 5.26 -5.34
C PRO B 172 -2.62 5.10 -4.21
N VAL B 173 -3.42 6.14 -3.99
CA VAL B 173 -4.45 6.07 -2.99
C VAL B 173 -5.68 6.60 -3.67
N LEU B 174 -6.84 6.18 -3.18
CA LEU B 174 -8.07 6.63 -3.76
C LEU B 174 -8.36 8.00 -3.21
N ASP B 175 -8.80 8.88 -4.07
CA ASP B 175 -9.13 10.24 -3.68
C ASP B 175 -10.64 10.31 -3.61
N SER B 176 -11.19 11.50 -3.43
CA SER B 176 -12.63 11.63 -3.34
C SER B 176 -13.24 11.59 -4.73
N ASP B 177 -12.50 12.08 -5.71
CA ASP B 177 -12.98 12.13 -7.10
C ASP B 177 -13.28 10.75 -7.66
N GLY B 178 -12.80 9.73 -6.96
CA GLY B 178 -12.96 8.39 -7.48
C GLY B 178 -11.75 8.37 -8.39
N SER B 179 -10.95 9.41 -8.23
CA SER B 179 -9.73 9.62 -8.99
C SER B 179 -8.60 9.00 -8.21
N PHE B 180 -7.39 9.18 -8.71
CA PHE B 180 -6.19 8.65 -8.06
C PHE B 180 -5.12 9.68 -8.06
N PHE B 181 -4.18 9.51 -7.14
CA PHE B 181 -3.04 10.41 -7.02
C PHE B 181 -1.91 9.68 -6.33
N LEU B 182 -0.69 10.16 -6.48
CA LEU B 182 0.45 9.53 -5.86
C LEU B 182 1.60 10.47 -5.99
N TYR B 183 2.54 10.39 -5.06
CA TYR B 183 3.71 11.26 -5.06
C TYR B 183 5.00 10.51 -5.39
N SER B 184 6.09 11.26 -5.53
CA SER B 184 7.40 10.67 -5.82
C SER B 184 8.56 11.58 -5.46
N LYS B 185 9.46 11.08 -4.62
CA LYS B 185 10.62 11.84 -4.17
C LYS B 185 11.91 11.50 -4.91
N LEU B 186 12.71 12.53 -5.15
CA LEU B 186 13.99 12.39 -5.79
C LEU B 186 14.91 13.24 -4.92
N THR B 187 15.46 12.66 -3.87
CA THR B 187 16.34 13.42 -3.01
C THR B 187 17.54 13.78 -3.87
N VAL B 188 18.08 14.98 -3.68
CA VAL B 188 19.24 15.41 -4.47
C VAL B 188 20.16 16.26 -3.61
N ASP B 189 21.45 16.07 -3.79
CA ASP B 189 22.49 16.80 -3.07
C ASP B 189 22.37 18.32 -3.30
N LYS B 190 22.15 19.10 -2.23
CA LYS B 190 21.97 20.56 -2.32
C LYS B 190 22.64 21.29 -3.49
N SER B 191 23.98 21.28 -3.52
CA SER B 191 24.76 21.92 -4.58
C SER B 191 24.00 21.88 -5.91
N ARG B 192 23.81 20.65 -6.39
CA ARG B 192 23.07 20.30 -7.61
C ARG B 192 21.95 21.30 -7.87
N TRP B 193 21.06 21.32 -6.90
CA TRP B 193 19.85 22.16 -6.89
C TRP B 193 20.14 23.64 -7.01
N GLN B 194 21.11 24.11 -6.25
CA GLN B 194 21.48 25.51 -6.28
C GLN B 194 22.12 25.77 -7.64
N GLN B 195 23.01 24.88 -8.07
CA GLN B 195 23.67 25.04 -9.37
C GLN B 195 22.63 25.00 -10.49
N GLY B 196 21.40 25.43 -10.14
CA GLY B 196 20.28 25.48 -11.07
C GLY B 196 20.27 24.49 -12.21
N ASN B 197 20.26 23.19 -11.89
CA ASN B 197 20.21 22.16 -12.93
C ASN B 197 18.72 21.89 -13.17
N VAL B 198 18.37 21.45 -14.38
CA VAL B 198 16.97 21.17 -14.71
C VAL B 198 16.60 19.70 -14.56
N PHE B 199 15.56 19.46 -13.77
CA PHE B 199 15.07 18.12 -13.51
C PHE B 199 13.68 17.91 -14.02
N SER B 200 13.37 16.68 -14.39
CA SER B 200 12.05 16.39 -14.91
C SER B 200 11.56 15.00 -14.53
N CYS B 201 10.31 14.92 -14.10
CA CYS B 201 9.69 13.64 -13.73
C CYS B 201 8.68 13.29 -14.84
N SER B 202 8.88 12.13 -15.47
CA SER B 202 8.04 11.67 -16.58
C SER B 202 6.86 10.85 -16.12
N VAL B 203 5.72 11.07 -16.73
CA VAL B 203 4.59 10.28 -16.33
C VAL B 203 3.99 9.63 -17.53
N MET B 204 4.11 8.30 -17.59
CA MET B 204 3.56 7.52 -18.69
C MET B 204 2.23 6.97 -18.22
N HIS B 205 1.17 7.22 -18.98
CA HIS B 205 -0.17 6.72 -18.63
C HIS B 205 -1.10 6.56 -19.83
N GLU B 206 -2.22 5.89 -19.61
CA GLU B 206 -3.18 5.62 -20.68
C GLU B 206 -3.75 6.83 -21.41
N ALA B 207 -4.10 7.87 -20.67
CA ALA B 207 -4.71 9.05 -21.28
C ALA B 207 -3.80 10.20 -21.73
N LEU B 208 -2.50 10.16 -21.40
CA LEU B 208 -1.59 11.22 -21.83
C LEU B 208 -1.50 11.08 -23.34
N HIS B 209 -1.85 12.13 -24.08
CA HIS B 209 -1.90 12.08 -25.53
C HIS B 209 -1.03 11.04 -26.18
N ASN B 210 0.28 11.16 -25.99
CA ASN B 210 1.17 10.17 -26.56
C ASN B 210 1.64 9.21 -25.47
N HIS B 211 0.74 8.98 -24.50
CA HIS B 211 0.99 8.09 -23.35
C HIS B 211 2.20 8.60 -22.61
N TYR B 212 2.28 9.91 -22.46
CA TYR B 212 3.43 10.50 -21.83
C TYR B 212 3.26 12.01 -21.71
N THR B 213 4.03 12.57 -20.80
CA THR B 213 4.08 14.00 -20.56
C THR B 213 5.23 14.12 -19.59
N GLN B 214 5.86 15.27 -19.63
CA GLN B 214 7.01 15.46 -18.79
C GLN B 214 6.95 16.89 -18.32
N LYS B 215 7.43 17.12 -17.11
CA LYS B 215 7.43 18.45 -16.53
C LYS B 215 8.84 18.64 -15.99
N SER B 216 9.19 19.87 -15.64
CA SER B 216 10.53 20.11 -15.14
C SER B 216 10.61 21.06 -13.96
N LEU B 217 11.64 20.87 -13.16
CA LEU B 217 11.91 21.69 -12.00
C LEU B 217 13.35 22.21 -12.15
N SER B 218 13.52 23.52 -11.96
CA SER B 218 14.84 24.18 -12.04
C SER B 218 14.85 25.50 -11.27
N LEU B 219 15.87 25.67 -10.44
CA LEU B 219 16.02 26.84 -9.60
C LEU B 219 14.72 27.39 -9.00
#